data_3BL4
#
_entry.id   3BL4
#
_cell.length_a   35.373
_cell.length_b   56.127
_cell.length_c   106.335
_cell.angle_alpha   90.000
_cell.angle_beta   90.000
_cell.angle_gamma   90.000
#
_symmetry.space_group_name_H-M   'P 21 21 21'
#
loop_
_entity.id
_entity.type
_entity.pdbx_description
1 polymer 'Uncharacterized protein'
2 non-polymer 'SULFATE ION'
3 non-polymer 1,2-ETHANEDIOL
4 water water
#
_entity_poly.entity_id   1
_entity_poly.type   'polypeptide(L)'
_entity_poly.pdbx_seq_one_letter_code
;G(MSE)SGDSEVGTEAGLTLGGDGILRLTWPRGAAITAADAERA(MSE)LRVNQLCGDDRHP(MSE)LVD(MSE)ATTAD
VSRGARAVFGRPCQASRIALLGSSPVDRVLANFFLGINAVPCPTKFFTSERDALTWLALT
;
_entity_poly.pdbx_strand_id   A,B
#
# COMPACT_ATOMS: atom_id res chain seq x y z
N ASP A 5 5.74 -5.59 -27.70
CA ASP A 5 6.50 -6.81 -28.12
C ASP A 5 5.68 -7.63 -29.12
N SER A 6 6.32 -8.01 -30.23
CA SER A 6 5.78 -9.03 -31.14
C SER A 6 6.00 -10.45 -30.58
N GLU A 7 6.88 -10.57 -29.58
CA GLU A 7 7.22 -11.87 -29.00
C GLU A 7 6.17 -12.36 -28.00
N VAL A 8 5.85 -13.64 -28.04
CA VAL A 8 4.97 -14.24 -27.05
C VAL A 8 5.72 -14.49 -25.73
N GLY A 9 5.19 -13.96 -24.63
CA GLY A 9 5.82 -14.12 -23.32
C GLY A 9 5.09 -15.06 -22.35
N THR A 10 4.96 -14.61 -21.11
CA THR A 10 4.35 -15.37 -20.02
C THR A 10 2.95 -14.83 -19.75
N GLU A 11 2.00 -15.72 -19.44
CA GLU A 11 0.58 -15.31 -19.22
C GLU A 11 0.48 -14.24 -18.12
N ALA A 12 1.22 -14.49 -17.02
CA ALA A 12 1.32 -13.58 -15.87
C ALA A 12 -0.01 -13.45 -15.12
N GLY A 13 -0.88 -14.45 -15.29
CA GLY A 13 -2.27 -14.40 -14.81
C GLY A 13 -3.03 -13.15 -15.24
N LEU A 14 -2.77 -12.68 -16.46
CA LEU A 14 -3.31 -11.40 -16.92
C LEU A 14 -4.01 -11.57 -18.26
N THR A 15 -5.22 -11.02 -18.37
CA THR A 15 -6.00 -11.00 -19.61
C THR A 15 -6.76 -9.68 -19.74
N LEU A 16 -6.89 -9.17 -20.97
CA LEU A 16 -7.83 -8.10 -21.29
C LEU A 16 -8.99 -8.76 -22.02
N GLY A 17 -10.18 -8.67 -21.41
CA GLY A 17 -11.37 -9.30 -21.96
C GLY A 17 -11.96 -8.54 -23.14
N GLY A 18 -12.82 -9.24 -23.88
CA GLY A 18 -13.65 -8.62 -24.92
C GLY A 18 -14.65 -7.63 -24.33
N ASP A 19 -15.04 -7.84 -23.07
CA ASP A 19 -15.85 -6.87 -22.32
C ASP A 19 -15.09 -5.59 -21.94
N GLY A 20 -13.80 -5.51 -22.29
CA GLY A 20 -12.98 -4.32 -22.01
C GLY A 20 -12.45 -4.22 -20.59
N ILE A 21 -12.61 -5.29 -19.81
CA ILE A 21 -12.16 -5.32 -18.43
C ILE A 21 -10.87 -6.11 -18.33
N LEU A 22 -9.85 -5.54 -17.68
CA LEU A 22 -8.63 -6.29 -17.34
C LEU A 22 -8.86 -7.20 -16.15
N ARG A 23 -8.32 -8.41 -16.20
CA ARG A 23 -8.36 -9.32 -15.06
C ARG A 23 -6.95 -9.78 -14.72
N LEU A 24 -6.51 -9.42 -13.52
CA LEU A 24 -5.19 -9.81 -13.00
C LEU A 24 -5.34 -10.81 -11.85
N THR A 25 -4.66 -11.94 -11.97
CA THR A 25 -4.57 -12.90 -10.88
C THR A 25 -3.37 -12.52 -10.05
N TRP A 26 -3.64 -11.93 -8.88
CA TRP A 26 -2.60 -11.47 -7.98
C TRP A 26 -3.16 -11.51 -6.56
N PRO A 27 -2.43 -12.11 -5.60
CA PRO A 27 -1.19 -12.85 -5.79
C PRO A 27 -1.50 -14.23 -6.37
N ARG A 28 -0.49 -14.87 -6.93
CA ARG A 28 -0.69 -16.18 -7.55
C ARG A 28 -0.79 -17.28 -6.48
N GLY A 29 -0.14 -17.06 -5.33
CA GLY A 29 -0.21 -18.00 -4.20
C GLY A 29 -0.05 -17.34 -2.86
N ALA A 30 0.60 -18.03 -1.91
CA ALA A 30 0.82 -17.52 -0.57
C ALA A 30 2.05 -16.62 -0.47
N ALA A 31 2.87 -16.55 -1.52
CA ALA A 31 4.04 -15.68 -1.54
C ALA A 31 3.63 -14.26 -1.87
N ILE A 32 4.05 -13.29 -1.05
CA ILE A 32 3.75 -11.88 -1.27
C ILE A 32 5.02 -11.05 -1.22
N THR A 33 5.45 -10.52 -2.37
CA THR A 33 6.59 -9.61 -2.38
C THR A 33 6.25 -8.30 -3.06
N ALA A 34 6.98 -7.24 -2.70
CA ALA A 34 6.81 -5.93 -3.31
C ALA A 34 7.16 -5.99 -4.80
N ALA A 35 8.25 -6.67 -5.13
CA ALA A 35 8.69 -6.85 -6.50
C ALA A 35 7.66 -7.51 -7.39
N ASP A 36 6.95 -8.51 -6.86
N ASP A 36 6.95 -8.50 -6.86
CA ASP A 36 5.89 -9.21 -7.60
CA ASP A 36 5.90 -9.21 -7.58
C ASP A 36 4.74 -8.25 -7.88
C ASP A 36 4.71 -8.29 -7.86
N ALA A 37 4.33 -7.51 -6.86
CA ALA A 37 3.28 -6.52 -6.99
C ALA A 37 3.65 -5.48 -8.04
N GLU A 38 4.89 -4.98 -8.02
CA GLU A 38 5.35 -4.03 -9.05
C GLU A 38 5.38 -4.66 -10.44
N ARG A 39 5.88 -5.90 -10.53
CA ARG A 39 5.98 -6.57 -11.80
C ARG A 39 4.59 -6.80 -12.38
N ALA A 40 3.63 -7.12 -11.52
CA ALA A 40 2.26 -7.32 -11.97
C ALA A 40 1.68 -6.08 -12.63
N LEU A 42 3.49 -3.64 -13.98
CA LEU A 42 4.28 -3.42 -15.20
C LEU A 42 3.66 -4.16 -16.36
N ARG A 43 3.29 -5.41 -16.12
CA ARG A 43 2.66 -6.26 -17.14
C ARG A 43 1.28 -5.74 -17.57
N VAL A 44 0.52 -5.21 -16.62
CA VAL A 44 -0.76 -4.57 -16.92
C VAL A 44 -0.57 -3.39 -17.86
N ASN A 45 0.44 -2.57 -17.55
CA ASN A 45 0.74 -1.38 -18.34
C ASN A 45 1.26 -1.74 -19.71
N GLN A 46 2.12 -2.74 -19.80
CA GLN A 46 2.63 -3.19 -21.10
C GLN A 46 1.51 -3.75 -21.99
N LEU A 47 0.55 -4.45 -21.39
CA LEU A 47 -0.58 -5.01 -22.14
C LEU A 47 -1.49 -3.90 -22.62
N CYS A 48 -1.72 -2.90 -21.79
CA CYS A 48 -2.67 -1.82 -22.10
C CYS A 48 -2.14 -0.86 -23.16
N GLY A 49 -0.83 -0.64 -23.15
CA GLY A 49 -0.21 0.31 -24.03
C GLY A 49 -0.80 1.67 -23.75
N ASP A 50 -1.35 2.29 -24.80
CA ASP A 50 -1.88 3.67 -24.72
C ASP A 50 -3.28 3.75 -24.14
N ASP A 51 -3.96 2.60 -24.05
CA ASP A 51 -5.36 2.54 -23.68
C ASP A 51 -5.57 2.33 -22.19
N ARG A 52 -6.73 2.72 -21.69
CA ARG A 52 -7.07 2.54 -20.30
C ARG A 52 -8.33 1.69 -20.16
N HIS A 53 -8.32 0.78 -19.17
CA HIS A 53 -9.44 -0.13 -18.92
C HIS A 53 -9.65 -0.32 -17.44
N PRO A 54 -10.89 -0.62 -17.03
CA PRO A 54 -11.11 -1.05 -15.65
C PRO A 54 -10.39 -2.36 -15.40
N LEU A 56 -10.04 -5.80 -12.70
CA LEU A 56 -10.34 -6.63 -11.54
C LEU A 56 -9.03 -7.31 -11.13
N VAL A 57 -8.61 -7.14 -9.87
CA VAL A 57 -7.49 -7.91 -9.31
C VAL A 57 -8.09 -9.05 -8.50
N ASP A 58 -8.00 -10.24 -9.06
CA ASP A 58 -8.57 -11.42 -8.43
C ASP A 58 -7.56 -11.97 -7.44
N ALA A 60 -8.60 -14.00 -5.05
CA ALA A 60 -9.33 -15.14 -4.52
C ALA A 60 -9.28 -16.37 -5.45
N THR A 61 -8.14 -16.61 -6.10
CA THR A 61 -8.02 -17.76 -7.04
C THR A 61 -7.72 -19.06 -6.30
N THR A 62 -7.20 -18.94 -5.08
CA THR A 62 -6.75 -20.08 -4.28
C THR A 62 -6.87 -19.72 -2.80
N ALA A 63 -7.13 -20.74 -1.98
CA ALA A 63 -7.21 -20.56 -0.54
C ALA A 63 -5.86 -20.17 0.08
N ASP A 64 -4.78 -20.36 -0.66
CA ASP A 64 -3.43 -20.03 -0.19
C ASP A 64 -3.10 -18.55 -0.17
N VAL A 65 -3.90 -17.73 -0.86
CA VAL A 65 -3.70 -16.29 -0.85
C VAL A 65 -3.95 -15.73 0.56
N SER A 66 -5.09 -16.07 1.15
CA SER A 66 -5.43 -15.49 2.44
C SER A 66 -4.48 -16.00 3.50
N ARG A 67 -4.05 -17.25 3.32
CA ARG A 67 -3.10 -17.86 4.22
C ARG A 67 -1.75 -17.14 4.20
N GLY A 68 -1.33 -16.69 3.03
CA GLY A 68 -0.13 -15.85 2.91
C GLY A 68 -0.35 -14.48 3.53
N ALA A 69 -1.54 -13.92 3.36
CA ALA A 69 -1.88 -12.61 3.91
C ALA A 69 -1.67 -12.63 5.42
N ARG A 70 -2.25 -13.65 6.06
CA ARG A 70 -2.14 -13.81 7.51
C ARG A 70 -0.72 -14.10 7.98
N ALA A 71 0.01 -14.91 7.20
CA ALA A 71 1.37 -15.31 7.52
C ALA A 71 2.34 -14.15 7.44
N VAL A 72 2.27 -13.33 6.38
CA VAL A 72 3.21 -12.21 6.24
C VAL A 72 2.76 -10.91 6.94
N PHE A 73 1.44 -10.69 7.09
CA PHE A 73 0.93 -9.41 7.60
C PHE A 73 0.33 -9.43 9.01
N GLY A 74 0.40 -10.56 9.71
CA GLY A 74 -0.12 -10.64 11.09
C GLY A 74 0.84 -10.17 12.17
N ARG A 75 1.95 -9.55 11.77
CA ARG A 75 3.04 -9.19 12.67
C ARG A 75 2.62 -8.10 13.68
N PRO A 76 3.21 -8.14 14.90
CA PRO A 76 2.79 -7.19 15.94
C PRO A 76 3.20 -5.76 15.61
N CYS A 77 2.39 -4.81 16.03
CA CYS A 77 2.69 -3.40 15.82
C CYS A 77 2.51 -2.71 17.17
N GLN A 78 3.61 -2.16 17.69
CA GLN A 78 3.58 -1.52 19.02
C GLN A 78 3.03 -0.09 19.01
N ALA A 79 2.72 0.45 17.84
CA ALA A 79 2.11 1.77 17.72
C ALA A 79 0.60 1.69 17.99
N SER A 80 0.08 2.57 18.84
CA SER A 80 -1.35 2.55 19.18
C SER A 80 -2.21 3.37 18.20
N ARG A 81 -1.60 4.37 17.58
CA ARG A 81 -2.19 5.08 16.45
C ARG A 81 -1.05 5.72 15.69
N ILE A 82 -1.24 6.01 14.40
CA ILE A 82 -0.12 6.53 13.60
C ILE A 82 -0.51 7.77 12.81
N ALA A 83 0.17 8.90 13.03
CA ALA A 83 -0.03 10.10 12.25
C ALA A 83 1.14 10.16 11.29
N LEU A 84 0.87 10.25 10.00
CA LEU A 84 1.93 10.34 9.04
C LEU A 84 1.95 11.76 8.53
N LEU A 85 3.06 12.45 8.74
CA LEU A 85 3.16 13.88 8.48
C LEU A 85 3.95 14.15 7.23
N GLY A 86 3.32 14.77 6.24
CA GLY A 86 4.02 15.22 5.03
C GLY A 86 4.15 16.73 4.87
N SER A 87 4.67 17.16 3.72
CA SER A 87 4.82 18.58 3.38
C SER A 87 3.70 19.11 2.48
N SER A 88 3.29 18.27 1.53
CA SER A 88 2.23 18.60 0.61
C SER A 88 1.33 17.37 0.46
N PRO A 89 0.09 17.56 -0.03
CA PRO A 89 -0.83 16.42 -0.24
C PRO A 89 -0.30 15.24 -1.06
N VAL A 90 0.65 15.45 -1.98
CA VAL A 90 1.22 14.35 -2.76
C VAL A 90 2.01 13.36 -1.90
N ASP A 91 2.46 13.80 -0.72
CA ASP A 91 3.27 12.96 0.17
C ASP A 91 2.45 11.82 0.77
N ARG A 92 1.13 11.90 0.63
CA ARG A 92 0.24 10.80 0.99
C ARG A 92 0.62 9.45 0.32
N VAL A 93 1.19 9.50 -0.89
CA VAL A 93 1.63 8.29 -1.59
CA VAL A 93 1.62 8.28 -1.57
C VAL A 93 2.70 7.55 -0.77
N LEU A 94 3.52 8.29 -0.04
CA LEU A 94 4.53 7.70 0.85
C LEU A 94 3.88 7.08 2.09
N ALA A 95 2.84 7.75 2.59
CA ALA A 95 2.06 7.25 3.72
C ALA A 95 1.43 5.92 3.35
N ASN A 96 0.79 5.89 2.20
CA ASN A 96 0.18 4.67 1.69
C ASN A 96 1.18 3.54 1.45
N PHE A 97 2.37 3.88 0.99
CA PHE A 97 3.44 2.90 0.86
C PHE A 97 3.76 2.28 2.22
N PHE A 98 4.11 3.12 3.19
CA PHE A 98 4.50 2.68 4.53
C PHE A 98 3.42 1.77 5.16
N LEU A 99 2.17 2.21 5.10
CA LEU A 99 1.05 1.52 5.69
C LEU A 99 0.66 0.28 4.92
N GLY A 100 0.90 0.31 3.61
CA GLY A 100 0.73 -0.84 2.76
C GLY A 100 1.69 -1.95 3.14
N ILE A 101 2.95 -1.58 3.36
CA ILE A 101 3.98 -2.54 3.77
C ILE A 101 3.71 -3.10 5.15
N ASN A 102 3.37 -2.23 6.10
CA ASN A 102 3.33 -2.60 7.50
C ASN A 102 1.99 -3.06 8.08
N ALA A 103 0.91 -2.81 7.37
CA ALA A 103 -0.37 -3.42 7.69
C ALA A 103 -0.73 -3.37 9.18
N VAL A 104 -0.88 -2.17 9.71
CA VAL A 104 -1.16 -1.96 11.13
C VAL A 104 -2.67 -2.01 11.38
N PRO A 105 -3.10 -2.43 12.57
CA PRO A 105 -4.53 -2.45 12.92
C PRO A 105 -5.05 -1.15 13.55
N CYS A 106 -4.15 -0.26 13.91
CA CYS A 106 -4.51 0.92 14.66
C CYS A 106 -4.96 2.02 13.74
N PRO A 107 -5.58 3.05 14.30
CA PRO A 107 -5.90 4.24 13.55
C PRO A 107 -4.68 4.88 12.91
N THR A 108 -4.86 5.32 11.67
CA THR A 108 -3.81 6.00 10.94
C THR A 108 -4.45 7.18 10.23
N LYS A 109 -3.68 8.26 10.04
CA LYS A 109 -4.19 9.45 9.41
C LYS A 109 -3.02 10.24 8.83
N PHE A 110 -3.28 10.93 7.72
CA PHE A 110 -2.27 11.72 7.04
C PHE A 110 -2.47 13.21 7.39
N PHE A 111 -1.36 13.92 7.62
CA PHE A 111 -1.37 15.36 7.90
C PHE A 111 -0.30 16.08 7.10
N THR A 112 -0.52 17.37 6.88
CA THR A 112 0.56 18.31 6.54
C THR A 112 0.82 19.34 7.65
N SER A 113 0.00 19.30 8.71
CA SER A 113 0.16 20.15 9.89
C SER A 113 0.65 19.32 11.06
N GLU A 114 1.84 19.61 11.55
CA GLU A 114 2.37 18.96 12.73
C GLU A 114 1.51 19.22 13.97
N ARG A 115 1.01 20.43 14.15
CA ARG A 115 0.14 20.71 15.29
C ARG A 115 -1.08 19.82 15.27
N ASP A 116 -1.70 19.72 14.08
CA ASP A 116 -2.89 18.89 13.93
C ASP A 116 -2.55 17.42 14.19
N ALA A 117 -1.41 16.98 13.67
CA ALA A 117 -0.94 15.61 13.85
C ALA A 117 -0.85 15.25 15.33
N LEU A 118 -0.20 16.13 16.08
CA LEU A 118 0.02 15.91 17.51
C LEU A 118 -1.24 15.96 18.31
N THR A 119 -2.16 16.85 17.92
CA THR A 119 -3.41 16.95 18.62
C THR A 119 -4.16 15.64 18.43
N TRP A 120 -4.18 15.15 17.19
CA TRP A 120 -4.90 13.93 16.87
C TRP A 120 -4.29 12.70 17.58
N LEU A 121 -2.96 12.65 17.61
CA LEU A 121 -2.22 11.61 18.31
C LEU A 121 -2.51 11.57 19.81
N ALA A 122 -2.82 12.73 20.40
CA ALA A 122 -3.10 12.83 21.84
C ALA A 122 -4.54 12.45 22.25
N LEU A 123 -5.43 12.20 21.30
CA LEU A 123 -6.76 11.63 21.59
C LEU A 123 -6.58 10.14 21.88
N THR A 124 -6.02 9.86 23.04
CA THR A 124 -5.47 8.56 23.37
C THR A 124 -6.35 7.89 24.45
N GLY B 13 16.92 7.81 13.32
CA GLY B 13 15.87 8.85 13.49
C GLY B 13 14.62 8.29 14.15
N LEU B 14 14.80 7.64 15.31
CA LEU B 14 13.70 7.12 16.11
C LEU B 14 13.92 7.51 17.56
N THR B 15 12.89 8.12 18.16
CA THR B 15 12.87 8.45 19.57
C THR B 15 11.49 8.19 20.16
N LEU B 16 11.46 7.84 21.44
CA LEU B 16 10.27 7.90 22.27
C LEU B 16 10.37 9.13 23.19
N GLY B 17 9.43 10.05 23.07
CA GLY B 17 9.48 11.30 23.82
C GLY B 17 8.95 11.12 25.24
N GLY B 18 9.36 12.02 26.13
CA GLY B 18 8.82 12.09 27.47
C GLY B 18 7.33 12.36 27.48
N ASP B 19 6.82 12.91 26.38
CA ASP B 19 5.36 13.06 26.17
C ASP B 19 4.62 11.78 25.78
N GLY B 20 5.35 10.68 25.60
CA GLY B 20 4.73 9.41 25.25
C GLY B 20 4.51 9.15 23.76
N ILE B 21 5.02 10.03 22.90
CA ILE B 21 4.85 9.90 21.47
C ILE B 21 6.14 9.44 20.83
N LEU B 22 6.04 8.41 20.01
CA LEU B 22 7.16 7.95 19.19
C LEU B 22 7.24 8.87 18.00
N ARG B 23 8.46 9.29 17.68
CA ARG B 23 8.69 10.04 16.46
C ARG B 23 9.66 9.27 15.59
N LEU B 24 9.20 8.90 14.39
CA LEU B 24 10.02 8.21 13.43
C LEU B 24 10.24 9.10 12.24
N THR B 25 11.51 9.28 11.87
CA THR B 25 11.85 10.01 10.67
C THR B 25 11.96 8.99 9.54
N TRP B 26 10.96 9.02 8.65
CA TRP B 26 10.91 8.12 7.50
C TRP B 26 10.21 8.84 6.34
N PRO B 27 10.75 8.73 5.11
CA PRO B 27 12.00 8.09 4.81
C PRO B 27 13.11 9.06 5.17
N ARG B 28 14.33 8.59 5.19
CA ARG B 28 15.47 9.45 5.51
C ARG B 28 15.70 10.48 4.39
N GLY B 29 15.51 10.05 3.14
CA GLY B 29 15.66 10.92 1.99
C GLY B 29 14.77 10.54 0.82
N ALA B 30 15.35 10.57 -0.39
CA ALA B 30 14.59 10.29 -1.63
C ALA B 30 14.54 8.80 -2.01
N ALA B 31 15.29 7.94 -1.30
CA ALA B 31 15.22 6.48 -1.48
C ALA B 31 14.01 5.93 -0.71
N ILE B 32 13.21 5.10 -1.38
CA ILE B 32 12.03 4.49 -0.75
C ILE B 32 11.97 3.00 -1.10
N THR B 33 12.31 2.13 -0.15
CA THR B 33 12.18 0.68 -0.38
C THR B 33 11.26 0.01 0.65
N ALA B 34 10.70 -1.12 0.25
CA ALA B 34 9.86 -1.94 1.09
C ALA B 34 10.62 -2.48 2.30
N ALA B 35 11.86 -2.94 2.08
CA ALA B 35 12.72 -3.41 3.16
C ALA B 35 13.02 -2.31 4.20
N ASP B 36 13.21 -1.08 3.73
CA ASP B 36 13.39 0.07 4.62
C ASP B 36 12.16 0.32 5.50
N ALA B 37 10.98 0.36 4.89
CA ALA B 37 9.75 0.66 5.61
C ALA B 37 9.42 -0.40 6.66
N GLU B 38 9.73 -1.65 6.34
CA GLU B 38 9.58 -2.78 7.26
C GLU B 38 10.62 -2.74 8.38
N ARG B 39 11.87 -2.42 8.04
CA ARG B 39 12.91 -2.28 9.07
C ARG B 39 12.55 -1.18 10.07
N ALA B 40 12.04 -0.06 9.57
CA ALA B 40 11.60 1.03 10.43
C ALA B 40 10.63 0.56 11.52
N LEU B 42 10.21 -2.45 12.61
CA LEU B 42 10.94 -3.37 13.45
C LEU B 42 11.60 -2.59 14.62
N ARG B 43 12.32 -1.53 14.29
CA ARG B 43 12.98 -0.70 15.30
CA ARG B 43 12.99 -0.71 15.30
C ARG B 43 11.97 -0.05 16.24
N VAL B 44 10.83 0.40 15.70
CA VAL B 44 9.76 0.95 16.54
C VAL B 44 9.34 -0.10 17.57
N ASN B 45 9.17 -1.33 17.13
CA ASN B 45 8.75 -2.40 18.02
C ASN B 45 9.84 -2.74 19.04
N GLN B 46 11.09 -2.79 18.59
CA GLN B 46 12.25 -3.01 19.48
C GLN B 46 12.32 -1.93 20.57
N LEU B 47 12.09 -0.67 20.19
CA LEU B 47 12.12 0.43 21.16
C LEU B 47 10.96 0.39 22.16
N CYS B 48 9.77 0.01 21.71
CA CYS B 48 8.60 -0.03 22.59
C CYS B 48 8.59 -1.24 23.53
N GLY B 49 9.13 -2.36 23.07
CA GLY B 49 9.08 -3.60 23.83
C GLY B 49 7.63 -4.02 23.99
N ASP B 50 7.18 -4.04 25.24
CA ASP B 50 5.84 -4.51 25.61
C ASP B 50 4.79 -3.40 25.69
N ASP B 51 5.24 -2.14 25.64
CA ASP B 51 4.33 -0.98 25.74
C ASP B 51 3.94 -0.45 24.37
N ARG B 52 2.86 0.33 24.35
CA ARG B 52 2.30 0.86 23.12
C ARG B 52 2.16 2.38 23.22
N HIS B 53 2.45 3.04 22.10
CA HIS B 53 2.52 4.48 22.09
C HIS B 53 1.97 5.03 20.77
N PRO B 54 1.40 6.24 20.80
CA PRO B 54 1.09 6.83 19.52
C PRO B 54 2.38 7.13 18.79
N LEU B 56 4.23 9.50 15.56
CA LEU B 56 4.35 10.44 14.48
C LEU B 56 5.42 9.92 13.51
N VAL B 57 5.04 9.70 12.25
CA VAL B 57 6.03 9.39 11.22
C VAL B 57 6.27 10.70 10.47
N ASP B 58 7.45 11.28 10.67
CA ASP B 58 7.79 12.57 10.09
C ASP B 58 8.43 12.33 8.72
N ALA B 60 8.57 14.75 6.44
CA ALA B 60 8.81 16.11 5.97
C ALA B 60 10.13 16.70 6.51
N THR B 61 11.14 15.86 6.74
CA THR B 61 12.38 16.35 7.35
C THR B 61 13.32 16.90 6.30
N THR B 62 13.01 16.64 5.02
CA THR B 62 13.85 17.11 3.93
C THR B 62 13.03 17.21 2.66
N ALA B 63 13.36 18.20 1.82
CA ALA B 63 12.71 18.41 0.51
C ALA B 63 12.88 17.21 -0.42
N ASP B 64 13.93 16.41 -0.20
CA ASP B 64 14.18 15.17 -0.96
C ASP B 64 13.08 14.13 -0.80
N VAL B 65 12.35 14.18 0.31
CA VAL B 65 11.20 13.28 0.53
C VAL B 65 10.15 13.46 -0.58
N SER B 66 9.72 14.71 -0.76
CA SER B 66 8.73 15.09 -1.78
C SER B 66 9.23 14.92 -3.22
N ARG B 67 10.56 14.90 -3.40
CA ARG B 67 11.16 14.47 -4.68
C ARG B 67 10.86 12.97 -4.90
N GLY B 68 10.98 12.19 -3.82
CA GLY B 68 10.60 10.78 -3.80
C GLY B 68 9.09 10.55 -3.86
N ALA B 69 8.32 11.46 -3.26
CA ALA B 69 6.86 11.39 -3.29
C ALA B 69 6.29 11.67 -4.69
N ARG B 70 6.97 12.55 -5.43
CA ARG B 70 6.60 12.87 -6.81
C ARG B 70 6.99 11.74 -7.76
N ALA B 71 8.16 11.12 -7.52
CA ALA B 71 8.62 9.98 -8.32
C ALA B 71 7.76 8.76 -8.10
N VAL B 72 7.38 8.51 -6.85
CA VAL B 72 6.48 7.41 -6.55
C VAL B 72 5.12 7.64 -7.20
N PHE B 73 4.72 8.91 -7.34
CA PHE B 73 3.44 9.22 -7.98
C PHE B 73 3.55 9.22 -9.52
N GLY B 74 4.73 9.54 -10.04
CA GLY B 74 4.96 9.56 -11.49
C GLY B 74 4.87 8.21 -12.19
N ARG B 75 4.98 7.11 -11.42
CA ARG B 75 4.95 5.76 -12.01
C ARG B 75 3.55 5.37 -12.50
N PRO B 76 3.47 4.85 -13.73
CA PRO B 76 2.23 4.82 -14.51
C PRO B 76 1.22 3.77 -14.08
N CYS B 77 -0.04 4.00 -14.43
CA CYS B 77 -1.10 3.06 -14.17
C CYS B 77 -2.15 3.19 -15.27
N GLN B 78 -2.31 2.14 -16.07
CA GLN B 78 -3.22 2.18 -17.22
C GLN B 78 -4.60 1.65 -16.88
N ALA B 79 -4.82 1.36 -15.61
CA ALA B 79 -6.13 0.97 -15.12
C ALA B 79 -6.93 2.22 -14.80
N SER B 80 -8.16 2.29 -15.29
CA SER B 80 -9.03 3.45 -15.05
C SER B 80 -9.75 3.38 -13.69
N ARG B 81 -9.94 2.16 -13.20
CA ARG B 81 -10.35 1.92 -11.82
C ARG B 81 -10.08 0.48 -11.51
N ILE B 82 -9.91 0.17 -10.24
CA ILE B 82 -9.44 -1.14 -9.82
C ILE B 82 -10.33 -1.71 -8.73
N ALA B 83 -11.00 -2.82 -9.05
CA ALA B 83 -11.78 -3.56 -8.07
C ALA B 83 -10.83 -4.65 -7.58
N LEU B 84 -10.69 -4.78 -6.28
CA LEU B 84 -9.82 -5.81 -5.72
C LEU B 84 -10.63 -6.84 -4.95
N LEU B 85 -10.59 -8.08 -5.42
CA LEU B 85 -11.47 -9.12 -4.96
C LEU B 85 -10.74 -10.12 -4.09
N GLY B 86 -11.17 -10.24 -2.84
CA GLY B 86 -10.68 -11.24 -1.90
C GLY B 86 -11.76 -12.21 -1.47
N SER B 87 -11.39 -13.14 -0.57
CA SER B 87 -12.30 -14.15 -0.03
C SER B 87 -12.55 -13.94 1.46
N SER B 88 -11.91 -12.94 2.04
CA SER B 88 -12.13 -12.62 3.43
C SER B 88 -11.62 -11.22 3.73
N PRO B 89 -12.09 -10.66 4.85
CA PRO B 89 -11.72 -9.31 5.20
C PRO B 89 -10.22 -9.12 5.28
N VAL B 90 -9.46 -10.17 5.66
CA VAL B 90 -8.02 -10.04 5.80
C VAL B 90 -7.31 -9.72 4.48
N ASP B 91 -7.95 -10.08 3.36
CA ASP B 91 -7.40 -9.78 2.03
C ASP B 91 -7.36 -8.27 1.74
N ARG B 92 -7.99 -7.48 2.60
CA ARG B 92 -7.89 -6.04 2.54
C ARG B 92 -6.44 -5.56 2.72
N VAL B 93 -5.66 -6.28 3.52
CA VAL B 93 -4.25 -5.98 3.72
CA VAL B 93 -4.24 -5.97 3.71
C VAL B 93 -3.46 -6.19 2.41
N LEU B 94 -3.90 -7.13 1.61
CA LEU B 94 -3.26 -7.45 0.34
C LEU B 94 -3.57 -6.36 -0.68
N ALA B 95 -4.82 -5.88 -0.69
CA ALA B 95 -5.23 -4.77 -1.55
C ALA B 95 -4.41 -3.54 -1.24
N ASN B 96 -4.32 -3.19 0.05
CA ASN B 96 -3.56 -2.01 0.46
C ASN B 96 -2.08 -2.12 0.13
N PHE B 97 -1.52 -3.31 0.24
CA PHE B 97 -0.14 -3.59 -0.14
C PHE B 97 0.01 -3.27 -1.63
N PHE B 98 -0.87 -3.83 -2.45
CA PHE B 98 -0.81 -3.63 -3.90
C PHE B 98 -0.98 -2.15 -4.28
N LEU B 99 -1.98 -1.48 -3.70
CA LEU B 99 -2.27 -0.09 -4.03
C LEU B 99 -1.12 0.82 -3.56
N GLY B 100 -0.56 0.49 -2.39
CA GLY B 100 0.51 1.25 -1.78
C GLY B 100 1.83 1.11 -2.50
N ILE B 101 2.21 -0.11 -2.83
CA ILE B 101 3.44 -0.35 -3.63
C ILE B 101 3.36 0.38 -4.96
N ASN B 102 2.22 0.26 -5.62
CA ASN B 102 2.07 0.75 -6.98
C ASN B 102 1.60 2.21 -7.08
N ALA B 103 1.41 2.88 -5.96
CA ALA B 103 0.95 4.28 -5.94
C ALA B 103 -0.24 4.48 -6.87
N VAL B 104 -1.19 3.56 -6.78
CA VAL B 104 -2.36 3.58 -7.65
C VAL B 104 -3.16 4.87 -7.47
N PRO B 105 -3.31 5.66 -8.54
CA PRO B 105 -4.03 6.95 -8.49
C PRO B 105 -5.57 6.93 -8.72
N CYS B 106 -6.09 5.87 -9.31
CA CYS B 106 -7.48 5.85 -9.76
C CYS B 106 -8.41 5.38 -8.66
N PRO B 107 -9.73 5.41 -8.92
CA PRO B 107 -10.67 4.79 -7.97
C PRO B 107 -10.39 3.30 -7.71
N THR B 108 -10.53 2.89 -6.46
CA THR B 108 -10.27 1.53 -6.04
C THR B 108 -11.33 1.14 -5.05
N LYS B 109 -11.74 -0.13 -5.08
CA LYS B 109 -12.68 -0.64 -4.08
C LYS B 109 -12.41 -2.11 -3.80
N PHE B 110 -12.66 -2.53 -2.57
CA PHE B 110 -12.47 -3.92 -2.15
C PHE B 110 -13.80 -4.65 -2.19
N PHE B 111 -13.77 -5.87 -2.72
CA PHE B 111 -14.96 -6.71 -2.77
C PHE B 111 -14.62 -8.10 -2.32
N THR B 112 -15.64 -8.81 -1.88
CA THR B 112 -15.64 -10.25 -1.72
C THR B 112 -16.72 -10.90 -2.59
N SER B 113 -17.38 -10.12 -3.44
CA SER B 113 -18.29 -10.62 -4.47
C SER B 113 -17.77 -10.24 -5.87
N GLU B 114 -17.51 -11.26 -6.69
CA GLU B 114 -17.05 -11.06 -8.05
C GLU B 114 -18.11 -10.33 -8.89
N ARG B 115 -19.39 -10.65 -8.67
CA ARG B 115 -20.49 -9.98 -9.39
C ARG B 115 -20.60 -8.51 -9.00
N ASP B 116 -20.46 -8.21 -7.72
CA ASP B 116 -20.36 -6.81 -7.24
C ASP B 116 -19.16 -6.09 -7.83
N ALA B 117 -18.01 -6.78 -7.85
CA ALA B 117 -16.79 -6.18 -8.37
C ALA B 117 -16.97 -5.80 -9.83
N LEU B 118 -17.34 -6.78 -10.66
CA LEU B 118 -17.53 -6.59 -12.09
C LEU B 118 -18.59 -5.52 -12.43
N THR B 119 -19.67 -5.48 -11.65
CA THR B 119 -20.69 -4.45 -11.85
C THR B 119 -20.13 -3.06 -11.59
N TRP B 120 -19.36 -2.91 -10.51
CA TRP B 120 -18.75 -1.63 -10.17
C TRP B 120 -17.74 -1.17 -11.25
N LEU B 121 -17.00 -2.11 -11.82
CA LEU B 121 -16.09 -1.81 -12.92
C LEU B 121 -16.84 -1.34 -14.17
N ALA B 122 -18.09 -1.80 -14.35
CA ALA B 122 -18.95 -1.28 -15.44
C ALA B 122 -19.44 0.15 -15.20
N LEU B 123 -19.41 0.65 -13.97
CA LEU B 123 -19.82 2.05 -13.71
C LEU B 123 -18.76 3.05 -14.18
N THR B 124 -18.48 3.01 -15.48
CA THR B 124 -17.58 3.94 -16.16
C THR B 124 -18.14 4.29 -17.54
#